data_6HC8
#
_entry.id   6HC8
#
_cell.length_a   86.860
_cell.length_b   86.860
_cell.length_c   148.120
_cell.angle_alpha   90.00
_cell.angle_beta   90.00
_cell.angle_gamma   90.00
#
_symmetry.space_group_name_H-M   'P 41 21 2'
#
loop_
_entity.id
_entity.type
_entity.pdbx_description
1 polymer 'Hypoxia-inducible factor 1-alpha inhibitor'
2 polymer 'Transient receptor potential cation channel subfamily A member 1'
3 non-polymer 'ZINC ION'
4 non-polymer N-OXALYLGLYCINE
5 non-polymer 'SULFATE ION'
6 non-polymer GLYCEROL
7 water water
#
loop_
_entity_poly.entity_id
_entity_poly.type
_entity_poly.pdbx_seq_one_letter_code
_entity_poly.pdbx_strand_id
1 'polypeptide(L)'
;SMAATAAEAVASGSGEPREEAGALGPAWDESQLRSYSFPTRPIPRLSQSDPRAEELIENEEPVVLTDTNLVYPALKWDLE
YLQENIGNGDFSVYSASTHKFLYYDEKKMANFQNFKPRSNREEMKFHEFVEKLQDIQQRGGEERLYLQQTLNDTVGRKIV
MDFLGFNWNWINKQQGKRGWGQLTSNLLLIGMEGNVTPAHYDEQQNFFAQIKGYKRCILFPPDQFECLYPYPVHHPCDRQ
SQVDFDNPDYERFPNFQNVVGYETVVGPGDVLYIPMYWWHHIESLLNGGITITVNFWYKGAPTPKRIEYPLKAHQKVAIM
RNIEKMLGEALGNPQEVGPLLNTMIKGRYN
;
A
2 'polypeptide(L)' LHRASLFDHHELADYLISVGADINKID E
#
loop_
_chem_comp.id
_chem_comp.type
_chem_comp.name
_chem_comp.formula
GOL non-polymer GLYCEROL 'C3 H8 O3'
OGA non-polymer N-OXALYLGLYCINE 'C4 H5 N O5'
SO4 non-polymer 'SULFATE ION' 'O4 S -2'
ZN non-polymer 'ZINC ION' 'Zn 2'
#
# COMPACT_ATOMS: atom_id res chain seq x y z
N MET A 2 10.37 -25.96 23.25
CA MET A 2 10.54 -26.24 21.79
C MET A 2 10.21 -25.03 20.93
N ALA A 3 11.16 -24.64 20.08
CA ALA A 3 10.99 -23.46 19.25
C ALA A 3 9.87 -23.58 18.22
N ALA A 4 9.25 -24.76 18.10
CA ALA A 4 8.14 -24.96 17.17
C ALA A 4 6.80 -24.72 17.88
N VAL A 10 4.38 -16.29 19.36
CA VAL A 10 5.29 -15.67 18.41
C VAL A 10 4.54 -15.20 17.16
N ALA A 11 3.99 -16.15 16.41
CA ALA A 11 3.19 -15.86 15.21
C ALA A 11 1.73 -15.62 15.62
N SER A 12 1.52 -14.52 16.34
CA SER A 12 0.18 -14.18 16.80
C SER A 12 -0.68 -13.59 15.69
N GLY A 13 -0.07 -12.92 14.71
CA GLY A 13 -0.84 -12.25 13.67
C GLY A 13 -1.42 -10.97 14.20
N SER A 14 -2.72 -10.74 13.96
CA SER A 14 -3.38 -9.53 14.44
C SER A 14 -3.80 -9.61 15.90
N GLY A 15 -3.68 -10.79 16.52
CA GLY A 15 -3.98 -10.95 17.94
C GLY A 15 -5.46 -11.04 18.22
N GLU A 16 -5.78 -11.12 19.51
CA GLU A 16 -7.18 -11.15 19.94
C GLU A 16 -7.86 -9.84 19.54
N PRO A 17 -8.98 -9.88 18.81
CA PRO A 17 -9.65 -8.65 18.40
C PRO A 17 -9.92 -7.71 19.58
N ARG A 18 -9.76 -6.43 19.33
CA ARG A 18 -9.96 -5.43 20.38
C ARG A 18 -11.45 -5.24 20.70
N GLU A 19 -11.71 -4.81 21.92
CA GLU A 19 -13.07 -4.51 22.36
C GLU A 19 -13.38 -3.04 22.11
N GLU A 20 -14.50 -2.78 21.44
CA GLU A 20 -14.95 -1.40 21.25
C GLU A 20 -15.47 -0.83 22.58
N ALA A 21 -15.20 0.46 22.80
CA ALA A 21 -15.60 1.11 24.03
C ALA A 21 -17.12 1.07 24.20
N GLY A 22 -17.55 1.19 25.45
CA GLY A 22 -18.97 1.13 25.77
C GLY A 22 -19.57 -0.25 25.62
N ALA A 23 -18.75 -1.29 25.68
CA ALA A 23 -19.19 -2.68 25.63
C ALA A 23 -19.92 -2.98 24.32
N LEU A 24 -19.44 -2.36 23.24
CA LEU A 24 -20.05 -2.56 21.92
C LEU A 24 -19.56 -3.83 21.24
N GLY A 25 -18.81 -4.67 21.94
CA GLY A 25 -18.44 -5.97 21.42
C GLY A 25 -17.14 -5.92 20.65
N PRO A 26 -16.70 -7.08 20.15
CA PRO A 26 -15.47 -7.11 19.34
C PRO A 26 -15.62 -6.31 18.06
N ALA A 27 -14.56 -5.59 17.72
CA ALA A 27 -14.54 -4.80 16.49
C ALA A 27 -14.61 -5.69 15.25
N TRP A 28 -13.99 -6.86 15.31
N TRP A 28 -13.96 -6.86 15.30
CA TRP A 28 -14.02 -7.82 14.21
CA TRP A 28 -14.00 -7.81 14.20
C TRP A 28 -13.82 -9.21 14.78
C TRP A 28 -13.90 -9.20 14.79
N ASP A 29 -13.92 -10.21 13.94
CA ASP A 29 -13.74 -11.57 14.42
C ASP A 29 -12.82 -12.34 13.44
N GLU A 30 -12.18 -13.45 13.84
CA GLU A 30 -11.25 -14.15 12.89
C GLU A 30 -11.91 -14.55 11.50
N SER A 31 -13.21 -14.88 11.46
CA SER A 31 -13.85 -15.28 10.17
C SER A 31 -13.81 -14.16 9.10
N GLN A 32 -13.55 -12.91 9.47
CA GLN A 32 -13.54 -11.86 8.47
C GLN A 32 -12.17 -11.70 7.81
N LEU A 33 -11.20 -12.54 8.17
CA LEU A 33 -9.87 -12.49 7.56
C LEU A 33 -9.75 -13.61 6.53
N ARG A 34 -9.09 -13.32 5.42
CA ARG A 34 -8.82 -14.34 4.44
C ARG A 34 -7.68 -15.24 4.93
N SER A 35 -7.60 -16.44 4.35
CA SER A 35 -6.64 -17.46 4.79
C SER A 35 -5.48 -17.53 3.80
N TYR A 36 -4.25 -17.48 4.32
CA TYR A 36 -3.06 -17.46 3.49
C TYR A 36 -2.06 -18.51 3.98
N SER A 37 -1.02 -18.74 3.18
CA SER A 37 -0.14 -19.88 3.39
C SER A 37 1.02 -19.62 4.33
N PHE A 38 1.25 -18.39 4.75
CA PHE A 38 2.47 -18.03 5.44
C PHE A 38 2.17 -17.59 6.87
N PRO A 39 3.14 -17.67 7.78
CA PRO A 39 2.95 -17.14 9.14
C PRO A 39 3.14 -15.64 9.18
N THR A 40 2.63 -15.04 10.26
CA THR A 40 2.81 -13.61 10.52
C THR A 40 2.97 -13.38 12.02
N ARG A 41 3.54 -12.23 12.37
CA ARG A 41 3.67 -11.78 13.74
C ARG A 41 3.05 -10.39 13.82
N PRO A 42 2.72 -9.92 15.01
CA PRO A 42 1.99 -8.65 15.11
C PRO A 42 2.88 -7.46 14.89
N ILE A 43 2.30 -6.42 14.26
CA ILE A 43 2.87 -5.09 14.26
C ILE A 43 2.53 -4.44 15.60
N PRO A 44 3.48 -3.74 16.25
CA PRO A 44 3.16 -3.16 17.57
C PRO A 44 2.12 -2.05 17.44
N ARG A 45 1.23 -1.98 18.44
CA ARG A 45 0.23 -0.92 18.59
C ARG A 45 0.61 -0.09 19.81
N LEU A 46 0.90 1.18 19.60
CA LEU A 46 1.53 2.01 20.61
C LEU A 46 0.88 3.40 20.55
N SER A 47 0.99 4.11 21.67
CA SER A 47 0.69 5.53 21.69
C SER A 47 1.78 6.34 20.99
N GLN A 48 1.38 7.45 20.36
CA GLN A 48 2.36 8.30 19.72
C GLN A 48 3.33 8.93 20.72
N SER A 49 2.96 8.98 22.00
CA SER A 49 3.87 9.49 23.03
C SER A 49 4.85 8.42 23.54
N ASP A 50 4.77 7.19 23.04
CA ASP A 50 5.63 6.12 23.53
C ASP A 50 6.98 6.21 22.83
N PRO A 51 8.10 6.34 23.56
CA PRO A 51 9.41 6.40 22.88
C PRO A 51 9.69 5.21 21.99
N ARG A 52 9.09 4.06 22.26
CA ARG A 52 9.25 2.90 21.40
C ARG A 52 8.71 3.19 20.01
N ALA A 53 7.61 3.93 19.92
CA ALA A 53 7.06 4.23 18.61
C ALA A 53 7.98 5.16 17.83
N GLU A 54 8.51 6.19 18.49
CA GLU A 54 9.50 7.04 17.84
C GLU A 54 10.68 6.21 17.33
N GLU A 55 11.14 5.25 18.13
CA GLU A 55 12.30 4.42 17.74
C GLU A 55 11.98 3.58 16.51
N LEU A 56 10.76 3.06 16.42
CA LEU A 56 10.41 2.23 15.27
C LEU A 56 10.36 3.05 13.99
N ILE A 57 9.69 4.22 14.03
CA ILE A 57 9.64 5.08 12.85
C ILE A 57 11.05 5.48 12.43
N GLU A 58 11.88 5.85 13.41
CA GLU A 58 13.24 6.27 13.11
C GLU A 58 14.02 5.16 12.41
N ASN A 59 13.82 3.92 12.83
N ASN A 59 13.82 3.92 12.83
CA ASN A 59 14.49 2.76 12.24
CA ASN A 59 14.50 2.77 12.23
C ASN A 59 13.75 2.21 11.02
C ASN A 59 13.76 2.22 11.01
N GLU A 60 12.77 2.95 10.51
CA GLU A 60 12.01 2.54 9.32
C GLU A 60 11.44 1.13 9.50
N GLU A 61 10.75 0.95 10.63
CA GLU A 61 9.98 -0.24 10.90
C GLU A 61 8.54 0.15 11.16
N PRO A 62 7.60 -0.72 10.79
CA PRO A 62 6.18 -0.36 10.92
C PRO A 62 5.71 -0.31 12.36
N VAL A 63 4.70 0.53 12.59
CA VAL A 63 4.08 0.66 13.89
C VAL A 63 2.70 1.22 13.65
N VAL A 64 1.76 0.80 14.48
CA VAL A 64 0.42 1.39 14.50
C VAL A 64 0.36 2.38 15.66
N LEU A 65 0.02 3.62 15.35
CA LEU A 65 -0.18 4.66 16.35
C LEU A 65 -1.68 4.83 16.57
N THR A 66 -2.11 4.75 17.83
CA THR A 66 -3.53 4.65 18.14
C THR A 66 -4.16 5.98 18.50
N ASP A 67 -3.37 7.04 18.69
CA ASP A 67 -3.89 8.26 19.29
C ASP A 67 -3.24 9.50 18.71
N THR A 68 -2.95 9.50 17.41
CA THR A 68 -2.38 10.68 16.77
C THR A 68 -3.39 11.80 16.57
N ASN A 69 -4.68 11.47 16.46
CA ASN A 69 -5.72 12.39 16.01
C ASN A 69 -5.43 12.97 14.63
N LEU A 70 -4.64 12.23 13.86
CA LEU A 70 -4.19 12.73 12.55
C LEU A 70 -5.36 13.16 11.68
N VAL A 71 -6.40 12.34 11.60
CA VAL A 71 -7.55 12.69 10.74
C VAL A 71 -8.83 12.75 11.57
N TYR A 72 -8.71 13.27 12.79
CA TYR A 72 -9.86 13.32 13.69
C TYR A 72 -11.11 13.89 13.03
N PRO A 73 -11.06 15.01 12.30
CA PRO A 73 -12.30 15.56 11.72
C PRO A 73 -12.89 14.68 10.63
N ALA A 74 -12.11 13.78 10.01
CA ALA A 74 -12.62 12.88 8.99
C ALA A 74 -13.34 11.67 9.57
N LEU A 75 -13.32 11.46 10.88
CA LEU A 75 -13.92 10.25 11.44
C LEU A 75 -15.44 10.26 11.30
N LYS A 76 -16.05 11.42 11.11
CA LYS A 76 -17.48 11.49 10.83
C LYS A 76 -17.80 11.26 9.36
N TRP A 77 -16.81 11.02 8.52
CA TRP A 77 -17.03 10.86 7.09
C TRP A 77 -17.79 9.57 6.80
N ASP A 78 -18.76 9.67 5.91
CA ASP A 78 -19.43 8.52 5.32
C ASP A 78 -19.90 8.93 3.93
N LEU A 79 -20.51 7.99 3.21
CA LEU A 79 -20.88 8.27 1.82
C LEU A 79 -21.81 9.48 1.70
N GLU A 80 -22.80 9.61 2.59
CA GLU A 80 -23.73 10.73 2.46
C GLU A 80 -23.02 12.05 2.70
N TYR A 81 -22.21 12.14 3.77
CA TYR A 81 -21.50 13.38 4.06
C TYR A 81 -20.55 13.75 2.94
N LEU A 82 -19.83 12.77 2.40
CA LEU A 82 -18.87 13.06 1.32
C LEU A 82 -19.59 13.49 0.05
N GLN A 83 -20.66 12.79 -0.31
CA GLN A 83 -21.40 13.16 -1.52
C GLN A 83 -21.93 14.58 -1.45
N GLU A 84 -22.31 15.03 -0.25
CA GLU A 84 -22.83 16.37 -0.07
C GLU A 84 -21.72 17.41 -0.18
N ASN A 85 -20.50 17.08 0.25
CA ASN A 85 -19.47 18.09 0.48
C ASN A 85 -18.18 17.89 -0.31
N ILE A 86 -18.02 16.78 -1.04
CA ILE A 86 -16.75 16.49 -1.70
C ILE A 86 -16.59 17.23 -3.02
N GLY A 87 -17.64 17.84 -3.54
CA GLY A 87 -17.53 18.64 -4.74
C GLY A 87 -17.91 17.88 -5.99
N ASN A 88 -17.77 18.56 -7.13
CA ASN A 88 -18.19 18.05 -8.42
C ASN A 88 -17.01 17.62 -9.29
N GLY A 89 -15.87 17.31 -8.69
CA GLY A 89 -14.73 16.84 -9.45
C GLY A 89 -14.89 15.39 -9.87
N ASP A 90 -13.96 14.94 -10.70
CA ASP A 90 -13.91 13.56 -11.15
C ASP A 90 -13.14 12.72 -10.15
N PHE A 91 -13.57 11.47 -9.99
CA PHE A 91 -12.92 10.52 -9.10
C PHE A 91 -12.61 9.25 -9.88
N SER A 92 -11.37 8.78 -9.79
CA SER A 92 -10.99 7.51 -10.39
C SER A 92 -11.61 6.37 -9.61
N VAL A 93 -12.40 5.55 -10.29
CA VAL A 93 -13.02 4.36 -9.69
C VAL A 93 -12.57 3.14 -10.48
N TYR A 94 -11.95 2.19 -9.80
CA TYR A 94 -11.55 0.92 -10.41
C TYR A 94 -12.67 -0.09 -10.23
N SER A 95 -12.86 -0.92 -11.25
CA SER A 95 -13.90 -1.94 -11.29
C SER A 95 -13.27 -3.28 -11.64
N ALA A 96 -13.74 -4.34 -11.00
CA ALA A 96 -13.19 -5.67 -11.24
C ALA A 96 -14.23 -6.72 -10.90
N SER A 97 -14.14 -7.85 -11.59
CA SER A 97 -14.95 -9.02 -11.28
C SER A 97 -14.29 -9.94 -10.27
N THR A 98 -13.16 -9.51 -9.69
CA THR A 98 -12.47 -10.25 -8.64
C THR A 98 -12.28 -9.33 -7.45
N HIS A 99 -11.95 -9.93 -6.30
CA HIS A 99 -11.66 -9.13 -5.12
C HIS A 99 -10.29 -8.46 -5.17
N LYS A 100 -9.39 -8.95 -6.02
CA LYS A 100 -8.03 -8.43 -6.11
C LYS A 100 -7.97 -7.26 -7.09
N PHE A 101 -7.52 -6.10 -6.60
CA PHE A 101 -7.33 -4.90 -7.40
C PHE A 101 -5.84 -4.68 -7.60
N LEU A 102 -5.25 -5.47 -8.49
CA LEU A 102 -3.84 -5.34 -8.84
C LEU A 102 -3.60 -4.01 -9.55
N TYR A 103 -2.68 -3.21 -9.00
CA TYR A 103 -2.34 -1.93 -9.61
C TYR A 103 -1.51 -2.12 -10.88
N TYR A 104 -1.73 -1.25 -11.86
CA TYR A 104 -0.90 -1.27 -13.07
C TYR A 104 -0.70 0.14 -13.58
N ASP A 105 0.46 0.36 -14.19
CA ASP A 105 0.85 1.67 -14.70
C ASP A 105 0.45 1.74 -16.16
N GLU A 106 -0.53 2.60 -16.46
CA GLU A 106 -1.04 2.68 -17.83
C GLU A 106 0.04 3.13 -18.81
N LYS A 107 1.01 3.91 -18.36
CA LYS A 107 2.05 4.38 -19.27
C LYS A 107 2.91 3.24 -19.79
N LYS A 108 3.06 2.16 -19.02
CA LYS A 108 3.94 1.07 -19.41
C LYS A 108 3.25 0.02 -20.28
N MET A 109 1.96 0.17 -20.58
CA MET A 109 1.23 -0.87 -21.29
C MET A 109 1.69 -1.02 -22.74
N ALA A 110 2.25 0.04 -23.34
CA ALA A 110 2.78 -0.07 -24.69
C ALA A 110 3.96 -1.04 -24.75
N ASN A 111 4.74 -1.12 -23.69
CA ASN A 111 5.89 -2.02 -23.65
C ASN A 111 5.45 -3.48 -23.65
N PHE A 112 4.33 -3.79 -23.00
CA PHE A 112 3.82 -5.16 -22.89
C PHE A 112 2.42 -5.22 -23.50
N GLN A 113 2.33 -5.67 -24.76
CA GLN A 113 1.05 -5.71 -25.45
C GLN A 113 0.16 -6.86 -24.98
N ASN A 114 0.74 -7.90 -24.38
CA ASN A 114 -0.02 -9.08 -23.97
C ASN A 114 -0.54 -9.00 -22.55
N PHE A 115 -0.35 -7.88 -21.85
CA PHE A 115 -0.91 -7.69 -20.51
C PHE A 115 -2.34 -7.18 -20.65
N LYS A 116 -3.28 -7.95 -20.13
CA LYS A 116 -4.70 -7.56 -20.13
C LYS A 116 -5.12 -7.28 -18.70
N PRO A 117 -5.32 -6.03 -18.30
CA PRO A 117 -5.71 -5.74 -16.91
C PRO A 117 -7.00 -6.47 -16.52
N ARG A 118 -7.06 -6.88 -15.26
CA ARG A 118 -8.27 -7.48 -14.71
C ARG A 118 -9.20 -6.45 -14.10
N SER A 119 -8.69 -5.26 -13.79
CA SER A 119 -9.51 -4.15 -13.34
C SER A 119 -9.41 -3.01 -14.34
N ASN A 120 -10.46 -2.20 -14.41
CA ASN A 120 -10.54 -1.08 -15.35
C ASN A 120 -10.88 0.19 -14.59
N ARG A 121 -10.33 1.31 -15.05
CA ARG A 121 -10.50 2.60 -14.40
C ARG A 121 -11.60 3.37 -15.11
N GLU A 122 -12.50 3.97 -14.34
CA GLU A 122 -13.53 4.85 -14.87
C GLU A 122 -13.59 6.11 -14.02
N GLU A 123 -13.54 7.27 -14.69
CA GLU A 123 -13.69 8.56 -14.04
C GLU A 123 -15.17 8.90 -13.92
N MET A 124 -15.61 9.30 -12.72
CA MET A 124 -17.01 9.63 -12.52
C MET A 124 -17.13 10.64 -11.37
N LYS A 125 -18.31 11.25 -11.28
CA LYS A 125 -18.60 12.10 -10.14
C LYS A 125 -18.94 11.25 -8.91
N PHE A 126 -18.80 11.85 -7.74
CA PHE A 126 -18.92 11.05 -6.52
C PHE A 126 -20.32 10.47 -6.39
N HIS A 127 -21.36 11.22 -6.78
CA HIS A 127 -22.71 10.68 -6.68
C HIS A 127 -22.90 9.50 -7.62
N GLU A 128 -22.22 9.49 -8.76
CA GLU A 128 -22.29 8.33 -9.64
C GLU A 128 -21.66 7.12 -8.98
N PHE A 129 -20.57 7.33 -8.25
CA PHE A 129 -19.93 6.23 -7.53
C PHE A 129 -20.88 5.64 -6.49
N VAL A 130 -21.52 6.49 -5.69
CA VAL A 130 -22.47 6.02 -4.69
C VAL A 130 -23.60 5.26 -5.36
N GLU A 131 -24.09 5.79 -6.48
CA GLU A 131 -25.22 5.15 -7.15
C GLU A 131 -24.84 3.79 -7.71
N LYS A 132 -23.67 3.68 -8.33
CA LYS A 132 -23.24 2.39 -8.86
C LYS A 132 -23.11 1.37 -7.73
N LEU A 133 -22.65 1.82 -6.56
N LEU A 133 -22.59 1.80 -6.58
CA LEU A 133 -22.55 0.93 -5.42
CA LEU A 133 -22.56 0.92 -5.42
C LEU A 133 -23.93 0.48 -4.95
C LEU A 133 -23.95 0.44 -5.05
N GLN A 134 -24.91 1.38 -5.00
CA GLN A 134 -26.29 1.00 -4.68
C GLN A 134 -26.81 -0.02 -5.67
N ASP A 135 -26.67 0.26 -6.97
CA ASP A 135 -27.15 -0.66 -8.00
C ASP A 135 -26.58 -2.05 -7.78
N ILE A 136 -25.28 -2.15 -7.49
CA ILE A 136 -24.68 -3.46 -7.25
C ILE A 136 -25.31 -4.10 -6.02
N GLN A 137 -25.41 -3.36 -4.92
CA GLN A 137 -25.84 -3.94 -3.65
C GLN A 137 -27.27 -4.49 -3.74
N GLN A 138 -28.13 -3.83 -4.51
CA GLN A 138 -29.54 -4.24 -4.55
C GLN A 138 -29.77 -5.42 -5.48
N ARG A 139 -28.97 -5.55 -6.54
CA ARG A 139 -29.14 -6.64 -7.50
C ARG A 139 -28.25 -7.84 -7.19
N GLY A 140 -27.61 -7.87 -6.02
CA GLY A 140 -26.75 -8.99 -5.67
C GLY A 140 -25.59 -9.21 -6.64
N GLY A 141 -25.12 -8.15 -7.28
CA GLY A 141 -24.07 -8.30 -8.26
C GLY A 141 -22.75 -8.68 -7.62
N GLU A 142 -21.88 -9.26 -8.45
CA GLU A 142 -20.53 -9.63 -8.03
C GLU A 142 -19.49 -8.60 -8.41
N GLU A 143 -19.87 -7.54 -9.11
CA GLU A 143 -18.94 -6.48 -9.47
C GLU A 143 -18.45 -5.77 -8.21
N ARG A 144 -17.18 -5.36 -8.24
CA ARG A 144 -16.56 -4.70 -7.10
C ARG A 144 -15.96 -3.38 -7.55
N LEU A 145 -16.05 -2.38 -6.69
CA LEU A 145 -15.52 -1.04 -6.97
C LEU A 145 -14.52 -0.65 -5.90
N TYR A 146 -13.52 0.13 -6.30
CA TYR A 146 -12.55 0.70 -5.37
C TYR A 146 -12.27 2.11 -5.87
N LEU A 147 -12.70 3.10 -5.10
CA LEU A 147 -12.42 4.49 -5.42
C LEU A 147 -11.04 4.84 -4.87
N GLN A 148 -10.19 5.42 -5.72
CA GLN A 148 -8.85 5.82 -5.32
C GLN A 148 -8.53 7.13 -6.01
N GLN A 149 -8.54 8.22 -5.25
CA GLN A 149 -8.42 9.56 -5.84
C GLN A 149 -7.66 10.47 -4.90
N THR A 150 -6.66 11.16 -5.44
CA THR A 150 -5.95 12.15 -4.65
C THR A 150 -6.87 13.32 -4.35
N LEU A 151 -6.85 13.78 -3.10
CA LEU A 151 -7.60 14.97 -2.73
C LEU A 151 -7.01 16.19 -3.40
N ASN A 152 -7.84 16.93 -4.13
CA ASN A 152 -7.41 18.08 -4.91
C ASN A 152 -8.25 19.31 -4.54
N ASP A 153 -8.00 20.42 -5.26
CA ASP A 153 -8.56 21.71 -4.92
C ASP A 153 -10.04 21.85 -5.30
N THR A 154 -10.66 20.80 -5.82
CA THR A 154 -12.07 20.88 -6.18
C THR A 154 -13.00 20.48 -5.04
N VAL A 155 -12.47 20.00 -3.91
CA VAL A 155 -13.33 19.51 -2.85
C VAL A 155 -14.12 20.69 -2.25
N GLY A 156 -15.29 20.38 -1.70
CA GLY A 156 -16.17 21.39 -1.16
C GLY A 156 -15.63 21.99 0.13
N ARG A 157 -16.37 22.99 0.62
CA ARG A 157 -15.91 23.81 1.73
C ARG A 157 -15.80 23.03 3.03
N LYS A 158 -16.75 22.11 3.29
CA LYS A 158 -16.70 21.32 4.51
C LYS A 158 -15.51 20.38 4.50
N ILE A 159 -15.14 19.85 3.34
CA ILE A 159 -13.99 18.94 3.30
C ILE A 159 -12.72 19.72 3.52
N VAL A 160 -12.65 20.93 2.97
CA VAL A 160 -11.53 21.82 3.24
C VAL A 160 -11.39 22.05 4.74
N MET A 161 -12.50 22.44 5.40
CA MET A 161 -12.49 22.62 6.85
C MET A 161 -11.97 21.36 7.56
N ASP A 162 -12.49 20.19 7.19
CA ASP A 162 -12.04 18.94 7.82
C ASP A 162 -10.55 18.72 7.56
N PHE A 163 -10.11 18.89 6.31
CA PHE A 163 -8.70 18.76 5.97
C PHE A 163 -7.83 19.70 6.80
N LEU A 164 -8.26 20.96 6.93
CA LEU A 164 -7.49 21.90 7.73
C LEU A 164 -7.39 21.46 9.18
N GLY A 165 -8.38 20.72 9.66
CA GLY A 165 -8.36 20.18 11.00
C GLY A 165 -7.53 18.94 11.24
N PHE A 166 -6.83 18.40 10.24
CA PHE A 166 -5.93 17.28 10.50
C PHE A 166 -4.82 17.72 11.44
N ASN A 167 -4.12 16.75 12.03
CA ASN A 167 -3.04 17.06 12.99
C ASN A 167 -1.73 17.30 12.27
N TRP A 168 -1.67 18.46 11.61
CA TRP A 168 -0.46 18.85 10.90
C TRP A 168 0.70 19.12 11.86
N ASN A 169 0.41 19.63 13.06
CA ASN A 169 1.47 19.79 14.05
C ASN A 169 2.26 18.49 14.19
N TRP A 170 1.54 17.39 14.38
CA TRP A 170 2.20 16.12 14.67
C TRP A 170 2.93 15.60 13.44
N ILE A 171 2.28 15.59 12.28
CA ILE A 171 2.91 14.93 11.13
C ILE A 171 4.01 15.82 10.54
N ASN A 172 3.86 17.14 10.60
CA ASN A 172 4.93 18.01 10.17
C ASN A 172 6.18 17.81 11.02
N LYS A 173 6.01 17.57 12.33
CA LYS A 173 7.14 17.26 13.19
C LYS A 173 7.80 15.95 12.77
N GLN A 174 7.00 14.94 12.43
CA GLN A 174 7.58 13.68 11.96
C GLN A 174 8.38 13.88 10.69
N GLN A 175 7.78 14.56 9.71
CA GLN A 175 8.49 14.88 8.48
C GLN A 175 9.84 15.53 8.77
N GLY A 176 9.86 16.50 9.69
CA GLY A 176 11.11 17.17 10.01
C GLY A 176 12.09 16.26 10.73
N LYS A 177 11.60 15.52 11.73
CA LYS A 177 12.50 14.64 12.49
C LYS A 177 13.13 13.58 11.61
N ARG A 178 12.42 13.10 10.60
CA ARG A 178 12.96 12.06 9.73
C ARG A 178 13.70 12.60 8.51
N GLY A 179 13.75 13.91 8.32
CA GLY A 179 14.41 14.45 7.13
C GLY A 179 13.72 14.13 5.83
N TRP A 180 12.45 13.75 5.86
CA TRP A 180 11.73 13.40 4.65
C TRP A 180 11.53 14.61 3.75
N GLY A 181 11.22 14.35 2.49
CA GLY A 181 10.88 15.39 1.55
C GLY A 181 9.43 15.82 1.72
N GLN A 182 8.90 16.47 0.69
CA GLN A 182 7.58 17.08 0.79
C GLN A 182 6.48 16.02 0.79
N LEU A 183 5.34 16.38 1.41
CA LEU A 183 4.11 15.64 1.17
C LEU A 183 3.77 15.71 -0.30
N THR A 184 3.65 14.56 -0.97
CA THR A 184 3.33 14.57 -2.39
C THR A 184 1.84 14.45 -2.65
N SER A 185 1.11 13.71 -1.83
CA SER A 185 -0.33 13.62 -2.06
C SER A 185 -1.02 12.94 -0.88
N ASN A 186 -2.34 13.14 -0.82
CA ASN A 186 -3.23 12.40 0.07
C ASN A 186 -4.19 11.63 -0.81
N LEU A 187 -4.11 10.30 -0.76
CA LEU A 187 -4.96 9.45 -1.57
C LEU A 187 -6.17 9.05 -0.72
N LEU A 188 -7.35 9.34 -1.22
CA LEU A 188 -8.60 8.90 -0.60
C LEU A 188 -8.93 7.53 -1.16
N LEU A 189 -9.12 6.56 -0.28
CA LEU A 189 -9.40 5.18 -0.67
C LEU A 189 -10.74 4.76 -0.08
N ILE A 190 -11.69 4.44 -0.95
CA ILE A 190 -13.00 3.99 -0.51
C ILE A 190 -13.26 2.66 -1.19
N GLY A 191 -13.32 1.59 -0.41
CA GLY A 191 -13.50 0.26 -0.95
C GLY A 191 -14.70 -0.48 -0.41
N MET A 192 -15.08 -1.55 -1.11
CA MET A 192 -16.12 -2.45 -0.66
C MET A 192 -15.52 -3.56 0.20
N GLU A 193 -16.35 -4.11 1.09
CA GLU A 193 -15.93 -5.20 1.95
C GLU A 193 -15.34 -6.33 1.12
N GLY A 194 -14.19 -6.85 1.53
CA GLY A 194 -13.55 -7.93 0.84
C GLY A 194 -12.56 -7.51 -0.23
N ASN A 195 -12.53 -6.23 -0.60
CA ASN A 195 -11.55 -5.76 -1.57
C ASN A 195 -10.13 -6.02 -1.06
N VAL A 196 -9.24 -6.32 -1.98
CA VAL A 196 -7.84 -6.61 -1.69
C VAL A 196 -6.97 -5.82 -2.64
N THR A 197 -5.98 -5.13 -2.10
CA THR A 197 -4.90 -4.57 -2.90
C THR A 197 -3.72 -5.52 -2.76
N PRO A 198 -3.31 -6.22 -3.81
CA PRO A 198 -2.27 -7.24 -3.67
C PRO A 198 -0.91 -6.65 -3.30
N ALA A 199 -0.06 -7.52 -2.78
CA ALA A 199 1.24 -7.13 -2.25
C ALA A 199 2.06 -6.33 -3.25
N HIS A 200 2.62 -5.21 -2.78
CA HIS A 200 3.48 -4.33 -3.54
C HIS A 200 4.26 -3.47 -2.57
N TYR A 201 5.27 -2.78 -3.09
CA TYR A 201 5.94 -1.75 -2.32
C TYR A 201 5.81 -0.45 -3.07
N ASP A 202 5.89 0.64 -2.30
CA ASP A 202 5.87 2.01 -2.80
C ASP A 202 7.22 2.63 -2.49
N GLU A 203 7.64 3.60 -3.31
CA GLU A 203 8.89 4.30 -3.11
C GLU A 203 8.74 5.59 -2.32
N GLN A 204 7.66 5.75 -1.58
CA GLN A 204 7.52 6.88 -0.67
C GLN A 204 7.17 6.36 0.71
N GLN A 205 7.39 7.23 1.71
CA GLN A 205 7.00 6.96 3.08
C GLN A 205 5.51 7.21 3.20
N ASN A 206 4.82 6.39 4.00
CA ASN A 206 3.37 6.43 4.04
C ASN A 206 2.87 6.39 5.49
N PHE A 207 2.12 7.41 5.88
CA PHE A 207 1.28 7.34 7.06
C PHE A 207 -0.15 7.08 6.57
N PHE A 208 -0.67 5.92 6.95
CA PHE A 208 -1.88 5.30 6.40
C PHE A 208 -2.95 5.47 7.47
N ALA A 209 -3.90 6.39 7.25
CA ALA A 209 -4.82 6.86 8.28
C ALA A 209 -6.21 6.27 8.05
N GLN A 210 -6.61 5.34 8.91
CA GLN A 210 -7.89 4.65 8.76
C GLN A 210 -9.02 5.47 9.34
N ILE A 211 -10.13 5.53 8.59
CA ILE A 211 -11.25 6.42 8.90
C ILE A 211 -12.52 5.66 9.19
N LYS A 212 -12.90 4.73 8.32
CA LYS A 212 -14.12 3.96 8.48
C LYS A 212 -13.84 2.51 8.15
N GLY A 213 -14.44 1.60 8.93
CA GLY A 213 -14.22 0.19 8.70
C GLY A 213 -12.83 -0.24 9.12
N TYR A 214 -12.53 -1.51 8.84
CA TYR A 214 -11.31 -2.14 9.31
C TYR A 214 -10.57 -2.73 8.13
N LYS A 215 -9.24 -2.58 8.15
CA LYS A 215 -8.38 -3.15 7.12
C LYS A 215 -7.29 -3.98 7.78
N ARG A 216 -7.07 -5.17 7.25
CA ARG A 216 -5.98 -6.04 7.65
C ARG A 216 -4.79 -5.70 6.76
N CYS A 217 -3.68 -5.34 7.37
CA CYS A 217 -2.50 -4.95 6.64
C CYS A 217 -1.42 -5.98 6.93
N ILE A 218 -0.88 -6.58 5.88
CA ILE A 218 0.18 -7.57 5.99
C ILE A 218 1.42 -7.00 5.32
N LEU A 219 2.49 -6.82 6.10
CA LEU A 219 3.70 -6.17 5.61
C LEU A 219 4.85 -7.17 5.57
N PHE A 220 5.76 -6.96 4.62
CA PHE A 220 6.96 -7.76 4.52
C PHE A 220 8.15 -6.83 4.37
N PRO A 221 9.24 -7.08 5.09
CA PRO A 221 10.41 -6.20 5.01
C PRO A 221 11.05 -6.24 3.64
N PRO A 222 11.85 -5.22 3.29
CA PRO A 222 12.49 -5.21 1.96
C PRO A 222 13.43 -6.41 1.75
N ASP A 223 13.97 -7.01 2.81
CA ASP A 223 14.83 -8.19 2.63
C ASP A 223 14.06 -9.43 2.21
N GLN A 224 12.74 -9.39 2.04
N GLN A 224 12.75 -9.35 2.05
CA GLN A 224 12.02 -10.52 1.47
CA GLN A 224 11.95 -10.45 1.50
C GLN A 224 11.75 -10.35 -0.02
C GLN A 224 11.80 -10.37 -0.01
N PHE A 225 12.48 -9.43 -0.68
CA PHE A 225 12.44 -9.32 -2.13
C PHE A 225 12.52 -10.67 -2.82
N GLU A 226 13.42 -11.52 -2.32
CA GLU A 226 13.70 -12.83 -2.90
C GLU A 226 12.51 -13.77 -2.85
N CYS A 227 11.56 -13.52 -1.93
CA CYS A 227 10.41 -14.39 -1.73
C CYS A 227 9.15 -13.88 -2.42
N LEU A 228 9.16 -12.64 -2.95
CA LEU A 228 7.96 -12.00 -3.40
C LEU A 228 7.92 -11.70 -4.90
N TYR A 229 9.03 -11.85 -5.61
CA TYR A 229 9.03 -11.92 -7.06
C TYR A 229 8.30 -10.76 -7.74
N PRO A 230 8.76 -9.52 -7.56
CA PRO A 230 8.14 -8.41 -8.29
C PRO A 230 8.24 -8.61 -9.80
N TYR A 231 7.25 -8.05 -10.51
CA TYR A 231 7.30 -7.98 -11.96
C TYR A 231 8.56 -7.24 -12.41
N PRO A 232 9.01 -7.48 -13.65
CA PRO A 232 10.05 -6.62 -14.25
C PRO A 232 9.71 -5.14 -14.13
N VAL A 233 10.74 -4.35 -13.97
CA VAL A 233 10.54 -2.90 -13.75
C VAL A 233 9.72 -2.21 -14.91
N HIS A 234 9.96 -2.58 -16.20
CA HIS A 234 9.22 -1.99 -17.39
C HIS A 234 7.79 -2.61 -17.53
N HIS A 235 7.47 -3.64 -16.77
CA HIS A 235 6.12 -4.19 -16.85
C HIS A 235 5.14 -3.22 -16.18
N PRO A 236 3.89 -3.14 -16.67
CA PRO A 236 2.90 -2.28 -16.01
C PRO A 236 2.71 -2.53 -14.53
N CYS A 237 2.95 -3.75 -14.06
CA CYS A 237 2.81 -4.10 -12.65
C CYS A 237 4.15 -4.05 -11.90
N ASP A 238 5.08 -3.23 -12.37
CA ASP A 238 6.26 -2.83 -11.60
C ASP A 238 5.87 -2.58 -10.14
N ARG A 239 6.67 -3.16 -9.22
CA ARG A 239 6.61 -3.01 -7.77
C ARG A 239 5.54 -3.92 -7.13
N GLN A 240 4.72 -4.60 -7.91
CA GLN A 240 3.74 -5.54 -7.38
C GLN A 240 4.31 -6.96 -7.43
N SER A 241 3.91 -7.79 -6.46
CA SER A 241 4.31 -9.19 -6.44
C SER A 241 3.60 -9.95 -7.55
N GLN A 242 4.34 -10.82 -8.23
CA GLN A 242 3.76 -11.75 -9.20
C GLN A 242 2.99 -12.90 -8.53
N VAL A 243 3.21 -13.14 -7.24
CA VAL A 243 2.65 -14.31 -6.59
C VAL A 243 1.17 -14.09 -6.34
N ASP A 244 0.34 -15.07 -6.72
CA ASP A 244 -1.08 -15.04 -6.37
C ASP A 244 -1.22 -15.60 -4.96
N PHE A 245 -1.47 -14.73 -3.96
CA PHE A 245 -1.49 -15.17 -2.57
C PHE A 245 -2.58 -16.22 -2.34
N ASP A 246 -3.63 -16.22 -3.17
CA ASP A 246 -4.72 -17.19 -3.04
C ASP A 246 -4.38 -18.54 -3.66
N ASN A 247 -3.36 -18.61 -4.52
CA ASN A 247 -2.96 -19.88 -5.15
C ASN A 247 -1.50 -19.78 -5.54
N PRO A 248 -0.60 -19.85 -4.57
CA PRO A 248 0.81 -19.59 -4.87
C PRO A 248 1.38 -20.67 -5.75
N ASP A 249 2.00 -20.27 -6.84
CA ASP A 249 2.67 -21.22 -7.75
C ASP A 249 4.08 -21.45 -7.21
N TYR A 250 4.27 -22.53 -6.46
CA TYR A 250 5.55 -22.81 -5.83
C TYR A 250 6.61 -23.31 -6.82
N GLU A 251 6.20 -23.73 -8.03
CA GLU A 251 7.18 -24.08 -9.04
C GLU A 251 7.85 -22.84 -9.61
N ARG A 252 7.07 -21.79 -9.89
CA ARG A 252 7.65 -20.55 -10.40
C ARG A 252 8.28 -19.72 -9.29
N PHE A 253 7.73 -19.80 -8.08
CA PHE A 253 8.04 -18.88 -7.00
C PHE A 253 8.42 -19.65 -5.73
N PRO A 254 9.48 -20.47 -5.79
CA PRO A 254 9.73 -21.40 -4.68
C PRO A 254 9.97 -20.72 -3.35
N ASN A 255 10.61 -19.55 -3.34
CA ASN A 255 10.92 -18.95 -2.04
C ASN A 255 9.74 -18.25 -1.41
N PHE A 256 8.59 -18.25 -2.08
CA PHE A 256 7.40 -17.81 -1.36
C PHE A 256 7.09 -18.77 -0.21
N GLN A 257 7.61 -20.00 -0.24
CA GLN A 257 7.44 -20.91 0.89
C GLN A 257 8.20 -20.46 2.13
N ASN A 258 9.03 -19.42 2.02
CA ASN A 258 9.82 -18.95 3.15
C ASN A 258 9.37 -17.58 3.65
N VAL A 259 8.33 -17.00 3.08
CA VAL A 259 7.96 -15.62 3.40
C VAL A 259 7.33 -15.57 4.78
N VAL A 260 7.58 -14.47 5.49
CA VAL A 260 7.04 -14.27 6.84
C VAL A 260 6.61 -12.82 6.95
N GLY A 261 5.35 -12.59 7.33
CA GLY A 261 4.79 -11.26 7.34
C GLY A 261 4.65 -10.67 8.74
N TYR A 262 4.34 -9.37 8.75
CA TYR A 262 3.94 -8.65 9.96
C TYR A 262 2.52 -8.16 9.71
N GLU A 263 1.59 -8.36 10.64
CA GLU A 263 0.24 -7.93 10.33
C GLU A 263 -0.43 -7.22 11.50
N THR A 264 -1.50 -6.53 11.15
CA THR A 264 -2.32 -5.80 12.09
C THR A 264 -3.67 -5.57 11.42
N VAL A 265 -4.66 -5.24 12.23
CA VAL A 265 -5.94 -4.73 11.75
C VAL A 265 -6.10 -3.30 12.26
N VAL A 266 -6.22 -2.36 11.34
CA VAL A 266 -6.41 -0.95 11.71
C VAL A 266 -7.88 -0.62 11.58
N GLY A 267 -8.39 0.17 12.53
CA GLY A 267 -9.73 0.68 12.49
C GLY A 267 -9.75 2.20 12.63
N PRO A 268 -10.94 2.77 12.76
CA PRO A 268 -11.08 4.23 12.85
C PRO A 268 -10.16 4.83 13.90
N GLY A 269 -9.34 5.79 13.48
CA GLY A 269 -8.47 6.53 14.38
C GLY A 269 -7.04 6.03 14.40
N ASP A 270 -6.81 4.82 13.90
CA ASP A 270 -5.47 4.26 13.85
C ASP A 270 -4.70 4.83 12.66
N VAL A 271 -3.39 4.92 12.82
CA VAL A 271 -2.48 5.35 11.76
C VAL A 271 -1.37 4.31 11.69
N LEU A 272 -1.17 3.72 10.52
CA LEU A 272 -0.13 2.72 10.30
C LEU A 272 1.03 3.36 9.54
N TYR A 273 2.23 3.27 10.10
CA TYR A 273 3.41 3.72 9.37
C TYR A 273 3.87 2.57 8.48
N ILE A 274 3.78 2.78 7.16
CA ILE A 274 4.28 1.82 6.18
C ILE A 274 5.58 2.38 5.63
N PRO A 275 6.73 1.89 6.08
CA PRO A 275 7.99 2.47 5.61
C PRO A 275 8.19 2.23 4.13
N MET A 276 8.87 3.17 3.50
CA MET A 276 9.25 3.08 2.11
C MET A 276 9.93 1.74 1.82
N TYR A 277 9.58 1.15 0.68
CA TYR A 277 10.08 -0.12 0.18
C TYR A 277 9.55 -1.34 0.92
N TRP A 278 8.75 -1.16 1.96
CA TRP A 278 8.15 -2.30 2.62
C TRP A 278 6.96 -2.78 1.82
N TRP A 279 6.92 -4.08 1.57
CA TRP A 279 5.80 -4.70 0.90
C TRP A 279 4.57 -4.59 1.77
N HIS A 280 3.41 -4.39 1.17
CA HIS A 280 2.17 -4.42 1.94
C HIS A 280 1.04 -4.97 1.07
N HIS A 281 0.23 -5.81 1.70
CA HIS A 281 -0.97 -6.41 1.18
C HIS A 281 -2.09 -5.91 2.07
N ILE A 282 -3.13 -5.31 1.49
CA ILE A 282 -4.17 -4.66 2.28
C ILE A 282 -5.53 -5.20 1.89
N GLU A 283 -6.33 -5.65 2.88
CA GLU A 283 -7.64 -6.17 2.58
C GLU A 283 -8.69 -5.57 3.50
N SER A 284 -9.80 -5.13 2.92
CA SER A 284 -10.95 -4.68 3.69
C SER A 284 -11.70 -5.90 4.20
N LEU A 285 -11.99 -5.92 5.50
CA LEU A 285 -12.46 -7.16 6.12
C LEU A 285 -13.74 -7.65 5.46
N LEU A 286 -13.82 -8.96 5.28
CA LEU A 286 -15.05 -9.58 4.79
C LEU A 286 -16.21 -9.19 5.69
N ASN A 287 -17.31 -8.76 5.06
CA ASN A 287 -18.55 -8.44 5.77
C ASN A 287 -18.37 -7.32 6.78
N GLY A 288 -17.39 -6.45 6.57
CA GLY A 288 -17.16 -5.32 7.45
C GLY A 288 -17.74 -4.00 6.98
N GLY A 289 -18.48 -4.00 5.86
CA GLY A 289 -18.97 -2.75 5.31
C GLY A 289 -17.90 -2.04 4.52
N ILE A 290 -18.22 -0.85 4.01
CA ILE A 290 -17.25 -0.10 3.23
C ILE A 290 -16.11 0.37 4.12
N THR A 291 -14.96 0.62 3.51
CA THR A 291 -13.79 1.13 4.21
C THR A 291 -13.39 2.47 3.62
N ILE A 292 -12.92 3.36 4.49
CA ILE A 292 -12.38 4.65 4.08
C ILE A 292 -11.03 4.81 4.74
N THR A 293 -10.03 5.17 3.92
CA THR A 293 -8.66 5.45 4.33
C THR A 293 -8.20 6.72 3.62
N VAL A 294 -7.35 7.48 4.29
CA VAL A 294 -6.57 8.52 3.62
C VAL A 294 -5.11 8.27 3.93
N ASN A 295 -4.27 8.21 2.91
CA ASN A 295 -2.85 8.08 3.20
C ASN A 295 -2.16 9.44 3.03
N PHE A 296 -0.93 9.49 3.54
CA PHE A 296 -0.08 10.68 3.46
C PHE A 296 1.25 10.17 2.91
N TRP A 297 1.56 10.52 1.68
CA TRP A 297 2.77 10.02 1.02
C TRP A 297 3.85 11.10 1.05
N TYR A 298 5.03 10.74 1.55
CA TYR A 298 6.17 11.65 1.61
C TYR A 298 7.35 11.07 0.87
N LYS A 299 8.03 11.92 0.11
CA LYS A 299 9.29 11.51 -0.49
C LYS A 299 10.30 11.19 0.60
N GLY A 300 11.09 10.16 0.38
CA GLY A 300 12.09 9.76 1.35
C GLY A 300 13.17 10.79 1.53
N ALA A 301 13.89 10.65 2.65
CA ALA A 301 15.02 11.52 2.91
C ALA A 301 16.10 11.30 1.85
N PRO A 302 16.91 12.32 1.55
CA PRO A 302 17.89 12.17 0.46
C PRO A 302 18.88 11.05 0.73
N THR A 303 19.35 10.44 -0.35
CA THR A 303 20.41 9.44 -0.24
C THR A 303 21.69 10.08 0.29
N PRO A 304 22.38 9.44 1.24
CA PRO A 304 23.65 10.02 1.73
C PRO A 304 24.67 10.13 0.61
N LYS A 305 25.47 11.19 0.67
CA LYS A 305 26.43 11.48 -0.40
C LYS A 305 27.44 10.34 -0.54
N ARG A 306 28.00 9.87 0.57
CA ARG A 306 28.94 8.75 0.59
C ARG A 306 28.23 7.54 1.19
N ILE A 307 28.20 6.43 0.45
CA ILE A 307 27.50 5.23 0.90
C ILE A 307 28.23 4.61 2.07
N GLU A 308 27.47 4.09 3.03
CA GLU A 308 28.02 3.40 4.18
C GLU A 308 27.69 1.92 4.05
N TYR A 309 28.68 1.07 4.34
CA TYR A 309 28.50 -0.36 4.26
C TYR A 309 28.41 -0.95 5.67
N PRO A 310 27.64 -2.04 5.87
CA PRO A 310 26.92 -2.77 4.82
C PRO A 310 25.72 -2.01 4.30
N LEU A 311 25.30 -2.34 3.08
CA LEU A 311 24.11 -1.73 2.50
C LEU A 311 22.86 -2.28 3.18
N LYS A 312 21.84 -1.43 3.26
CA LYS A 312 20.55 -1.89 3.73
C LYS A 312 19.82 -2.65 2.62
N ALA A 313 18.86 -3.48 3.03
CA ALA A 313 18.11 -4.27 2.06
C ALA A 313 17.49 -3.37 1.00
N HIS A 314 16.90 -2.23 1.41
CA HIS A 314 16.22 -1.42 0.42
C HIS A 314 17.18 -0.75 -0.55
N GLN A 315 18.43 -0.55 -0.16
CA GLN A 315 19.41 -0.02 -1.10
C GLN A 315 19.75 -1.04 -2.16
N LYS A 316 19.77 -2.32 -1.81
CA LYS A 316 20.00 -3.35 -2.83
C LYS A 316 18.83 -3.40 -3.79
N VAL A 317 17.61 -3.19 -3.29
CA VAL A 317 16.45 -3.10 -4.18
C VAL A 317 16.60 -1.93 -5.13
N ALA A 318 17.00 -0.76 -4.60
CA ALA A 318 17.23 0.41 -5.44
C ALA A 318 18.27 0.13 -6.53
N ILE A 319 19.33 -0.60 -6.19
CA ILE A 319 20.36 -0.94 -7.18
C ILE A 319 19.74 -1.79 -8.30
N MET A 320 18.99 -2.82 -7.93
CA MET A 320 18.41 -3.70 -8.94
C MET A 320 17.46 -2.95 -9.84
N ARG A 321 16.61 -2.10 -9.26
CA ARG A 321 15.73 -1.28 -10.09
C ARG A 321 16.53 -0.44 -11.08
N ASN A 322 17.63 0.18 -10.62
CA ASN A 322 18.39 1.04 -11.52
C ASN A 322 19.11 0.23 -12.61
N ILE A 323 19.57 -0.98 -12.29
CA ILE A 323 20.17 -1.81 -13.34
C ILE A 323 19.14 -2.12 -14.43
N GLU A 324 17.92 -2.51 -14.01
CA GLU A 324 16.87 -2.80 -15.00
C GLU A 324 16.55 -1.57 -15.85
N LYS A 325 16.41 -0.39 -15.21
CA LYS A 325 16.13 0.82 -15.96
C LYS A 325 17.24 1.14 -16.95
N MET A 326 18.48 1.13 -16.50
CA MET A 326 19.60 1.48 -17.37
C MET A 326 19.69 0.53 -18.56
N LEU A 327 19.47 -0.76 -18.33
CA LEU A 327 19.60 -1.71 -19.43
C LEU A 327 18.49 -1.51 -20.44
N GLY A 328 17.28 -1.19 -19.98
CA GLY A 328 16.20 -0.90 -20.89
C GLY A 328 16.54 0.28 -21.79
N GLU A 329 17.11 1.33 -21.22
CA GLU A 329 17.48 2.49 -22.03
C GLU A 329 18.62 2.17 -22.98
N ALA A 330 19.65 1.45 -22.49
CA ALA A 330 20.81 1.20 -23.32
C ALA A 330 20.50 0.23 -24.45
N LEU A 331 19.71 -0.81 -24.19
CA LEU A 331 19.36 -1.73 -25.26
C LEU A 331 18.33 -1.14 -26.22
N GLY A 332 17.67 -0.05 -25.83
CA GLY A 332 16.67 0.58 -26.67
C GLY A 332 15.33 -0.10 -26.68
N ASN A 333 15.18 -1.17 -25.93
CA ASN A 333 13.95 -1.93 -25.90
C ASN A 333 13.87 -2.70 -24.59
N PRO A 334 12.80 -2.55 -23.81
CA PRO A 334 12.75 -3.25 -22.51
C PRO A 334 12.64 -4.75 -22.63
N GLN A 335 12.12 -5.27 -23.75
CA GLN A 335 12.02 -6.70 -23.94
C GLN A 335 13.37 -7.39 -24.03
N GLU A 336 14.44 -6.66 -24.35
CA GLU A 336 15.76 -7.28 -24.42
C GLU A 336 16.44 -7.38 -23.07
N VAL A 337 15.86 -6.82 -22.02
CA VAL A 337 16.50 -6.81 -20.71
C VAL A 337 16.70 -8.24 -20.20
N GLY A 338 15.64 -9.05 -20.26
CA GLY A 338 15.67 -10.38 -19.72
C GLY A 338 16.72 -11.26 -20.38
N PRO A 339 16.67 -11.35 -21.72
CA PRO A 339 17.68 -12.15 -22.44
C PRO A 339 19.12 -11.75 -22.13
N LEU A 340 19.40 -10.45 -22.02
CA LEU A 340 20.77 -10.04 -21.68
C LEU A 340 21.13 -10.46 -20.27
N LEU A 341 20.23 -10.24 -19.31
CA LEU A 341 20.52 -10.62 -17.94
C LEU A 341 20.78 -12.12 -17.85
N ASN A 342 19.97 -12.93 -18.53
CA ASN A 342 20.15 -14.38 -18.50
C ASN A 342 21.49 -14.77 -19.11
N THR A 343 21.83 -14.15 -20.22
CA THR A 343 23.13 -14.39 -20.85
C THR A 343 24.27 -14.05 -19.90
N MET A 344 24.10 -13.01 -19.09
N MET A 344 24.12 -13.00 -19.11
CA MET A 344 25.15 -12.61 -18.17
CA MET A 344 25.17 -12.63 -18.15
C MET A 344 25.34 -13.60 -17.03
C MET A 344 25.38 -13.73 -17.13
N ILE A 345 24.30 -14.35 -16.68
CA ILE A 345 24.33 -15.21 -15.51
C ILE A 345 24.56 -16.67 -15.85
N LYS A 346 23.95 -17.18 -16.93
CA LYS A 346 23.92 -18.62 -17.17
C LYS A 346 25.33 -19.20 -17.29
N GLY A 347 25.64 -20.16 -16.43
CA GLY A 347 26.95 -20.77 -16.43
C GLY A 347 28.07 -19.87 -15.98
N ARG A 348 27.75 -18.71 -15.42
CA ARG A 348 28.76 -17.75 -14.98
C ARG A 348 28.58 -17.36 -13.53
N TYR A 349 27.35 -17.11 -13.11
CA TYR A 349 27.05 -16.73 -11.74
C TYR A 349 26.00 -17.64 -11.10
N ASN A 350 25.44 -18.60 -11.81
CA ASN A 350 24.41 -19.44 -11.22
C ASN A 350 24.87 -20.88 -11.02
N LEU B 12 27.93 6.15 -11.40
CA LEU B 12 28.69 6.18 -10.15
C LEU B 12 27.98 5.34 -9.09
N ALA B 13 28.73 4.99 -8.04
CA ALA B 13 28.14 4.20 -6.95
C ALA B 13 26.96 4.92 -6.33
N ASP B 14 27.05 6.24 -6.18
CA ASP B 14 25.95 7.00 -5.59
C ASP B 14 24.68 6.91 -6.42
N TYR B 15 24.82 6.97 -7.74
CA TYR B 15 23.63 6.95 -8.60
C TYR B 15 22.85 5.65 -8.44
N LEU B 16 23.53 4.51 -8.36
CA LEU B 16 22.84 3.22 -8.32
C LEU B 16 21.98 3.06 -7.08
N ILE B 17 22.34 3.73 -5.98
CA ILE B 17 21.52 3.64 -4.77
C ILE B 17 20.34 4.60 -4.79
N SER B 18 20.33 5.57 -5.70
CA SER B 18 19.28 6.57 -5.74
C SER B 18 17.92 5.91 -5.96
N VAL B 19 16.91 6.47 -5.31
CA VAL B 19 15.55 5.95 -5.38
C VAL B 19 14.69 6.88 -6.22
N GLY B 20 13.66 6.31 -6.82
CA GLY B 20 12.60 7.08 -7.45
C GLY B 20 11.54 7.43 -6.43
N ALA B 21 10.36 7.82 -6.94
CA ALA B 21 9.24 8.20 -6.08
C ALA B 21 7.93 7.57 -6.56
N ASP B 22 8.00 6.38 -7.17
CA ASP B 22 6.81 5.76 -7.75
C ASP B 22 5.90 5.15 -6.68
N ILE B 23 4.59 5.37 -6.88
CA ILE B 23 3.55 4.94 -5.96
C ILE B 23 2.37 4.43 -6.77
N ASN B 24 1.51 3.62 -6.13
CA ASN B 24 0.30 3.14 -6.79
C ASN B 24 -0.74 4.25 -6.93
N LYS B 25 -0.48 5.21 -7.83
CA LYS B 25 -1.42 6.30 -8.11
C LYS B 25 -1.23 6.72 -9.57
N ILE B 26 -2.34 6.86 -10.30
CA ILE B 26 -2.27 7.38 -11.67
C ILE B 26 -1.78 8.81 -11.65
N ASP B 27 -0.94 9.16 -12.63
CA ASP B 27 -0.44 10.52 -12.78
C ASP B 27 -1.54 11.46 -13.25
ZN ZN C . 0.84 0.89 -1.35
C1 OGA D . -0.99 2.42 0.10
C2 OGA D . -1.70 1.28 -0.50
C4 OGA D . -3.88 0.15 -0.75
C5 OGA D . -5.18 0.03 0.01
O1 OGA D . -1.60 3.20 0.83
O2 OGA D . 0.21 2.60 -0.14
O2' OGA D . -1.08 0.50 -1.19
O3 OGA D . -6.03 -0.78 -0.37
N1 OGA D . -3.00 1.17 -0.23
O4 OGA D . -5.37 0.73 1.02
S SO4 E . -22.81 -8.33 -11.87
O1 SO4 E . -22.51 -7.06 -11.19
O2 SO4 E . -22.85 -9.42 -10.91
O3 SO4 E . -21.79 -8.61 -12.88
O4 SO4 E . -24.10 -8.19 -12.53
C1 GOL F . -0.47 -10.74 -9.71
O1 GOL F . 0.89 -10.76 -9.39
C2 GOL F . -1.11 -11.90 -8.97
O2 GOL F . -1.32 -12.95 -9.89
C3 GOL F . -2.42 -11.43 -8.33
O3 GOL F . -2.84 -12.37 -7.35
C1 GOL G . -0.14 22.08 4.92
O1 GOL G . 0.29 20.91 4.28
C2 GOL G . -1.65 22.06 5.05
O2 GOL G . -2.21 21.64 3.82
C3 GOL G . -2.20 23.42 5.46
O3 GOL G . -2.20 23.53 6.86
C1 GOL H . 17.86 -6.46 6.45
O1 GOL H . 18.83 -7.14 5.67
C2 GOL H . 18.40 -5.10 6.89
O2 GOL H . 19.48 -4.67 6.09
C3 GOL H . 17.32 -4.03 6.81
O3 GOL H . 17.98 -2.78 6.81
#